data_1G8O
#
_entry.id   1G8O
#
_cell.length_a   95.558
_cell.length_b   95.558
_cell.length_c   112.711
_cell.angle_alpha   90.00
_cell.angle_beta   90.00
_cell.angle_gamma   90.00
#
_symmetry.space_group_name_H-M   'P 41 21 2'
#
loop_
_entity.id
_entity.type
_entity.pdbx_description
1 polymer 'N-ACETYLLACTOSAMINIDE ALPHA-1,3-GALACTOSYLTRANSFERASE'
2 non-polymer 'MANGANESE (II) ION'
3 non-polymer "URIDINE-5'-MONOPHOSPHATE"
4 water water
#
_entity_poly.entity_id   1
_entity_poly.type   'polypeptide(L)'
_entity_poly.pdbx_seq_one_letter_code
;MGSSHHHHHHSSGLVPRGSHMESKLKLSDWFNPFKRPEVVTMTKWKAPVVWEGTYNRAVLDNYYAKQKITVGLTVFAVGR
YIEHYLEEFLTSANKHFMVGHPVIFYIMVDDVSRMPLIELGPLRSFKVFKIKPEKRWQDISMMRMKTIGEHIVAHIQHEV
DFLFCMDVDQVFQDKFGVETLGESVAQLQAWWYKADPNDFTYERRKESAAYIPFGEGDFYYHAAIFGGTPTQVLNITQEC
FKGILKDKKNDIEAQWHDESHLNKYFLLNKPTKILSPEYCWDYHIGLPADIKLVKMSWQTKEYNVVRNNV
;
_entity_poly.pdbx_strand_id   A
#
loop_
_chem_comp.id
_chem_comp.type
_chem_comp.name
_chem_comp.formula
MN non-polymer 'MANGANESE (II) ION' 'Mn 2'
U5P non-polymer URIDINE-5'-MONOPHOSPHATE 'C9 H13 N2 O9 P'
#
# COMPACT_ATOMS: atom_id res chain seq x y z
N SER A 23 -2.44 8.73 21.72
CA SER A 23 -2.62 10.17 22.15
C SER A 23 -1.40 11.08 21.85
N LYS A 24 -0.65 11.40 22.90
CA LYS A 24 0.56 12.24 22.93
C LYS A 24 1.33 12.77 21.67
N LEU A 25 1.07 12.25 20.47
CA LEU A 25 1.84 12.69 19.30
C LEU A 25 1.22 13.72 18.34
N LYS A 26 1.89 14.87 18.21
CA LYS A 26 1.45 15.97 17.33
C LYS A 26 2.25 15.95 16.03
N LEU A 27 1.68 16.50 14.97
CA LEU A 27 2.34 16.52 13.68
C LEU A 27 3.65 17.29 13.70
N SER A 28 3.68 18.42 14.41
CA SER A 28 4.92 19.23 14.50
C SER A 28 6.08 18.51 15.20
N ASP A 29 5.77 17.42 15.89
CA ASP A 29 6.75 16.61 16.63
C ASP A 29 7.77 15.90 15.72
N TRP A 30 7.33 15.47 14.54
CA TRP A 30 8.22 14.71 13.66
C TRP A 30 8.21 15.16 12.22
N PHE A 31 7.22 15.98 11.88
CA PHE A 31 7.04 16.46 10.51
C PHE A 31 7.30 17.96 10.33
N ASN A 32 8.10 18.26 9.31
CA ASN A 32 8.54 19.62 8.95
C ASN A 32 8.39 19.82 7.45
N PRO A 33 7.25 20.34 6.98
CA PRO A 33 7.12 20.51 5.53
C PRO A 33 8.21 21.33 4.85
N PHE A 34 8.81 22.26 5.59
CA PHE A 34 9.83 23.15 5.00
C PHE A 34 11.13 22.55 4.52
N LYS A 35 11.35 21.26 4.77
CA LYS A 35 12.60 20.69 4.31
C LYS A 35 12.40 20.27 2.86
N ARG A 36 11.13 20.31 2.43
CA ARG A 36 10.74 19.97 1.06
C ARG A 36 9.72 20.99 0.57
N PRO A 37 10.18 22.19 0.16
CA PRO A 37 9.27 23.24 -0.31
C PRO A 37 8.70 23.07 -1.73
N GLU A 38 9.48 22.47 -2.63
CA GLU A 38 9.09 22.25 -4.02
C GLU A 38 8.09 21.11 -4.35
N VAL A 39 7.64 20.36 -3.34
CA VAL A 39 6.68 19.26 -3.56
C VAL A 39 5.45 19.43 -2.63
N VAL A 40 4.33 18.81 -2.96
CA VAL A 40 3.17 18.95 -2.10
C VAL A 40 3.37 18.06 -0.82
N THR A 41 3.47 18.73 0.32
CA THR A 41 3.72 18.08 1.60
C THR A 41 2.53 18.10 2.57
N MET A 42 1.48 18.84 2.22
CA MET A 42 0.26 18.88 3.03
C MET A 42 -0.98 18.96 2.12
N THR A 43 -2.01 18.18 2.41
CA THR A 43 -3.21 18.22 1.60
C THR A 43 -4.15 19.29 2.11
N LYS A 44 -5.23 19.49 1.38
CA LYS A 44 -6.17 20.51 1.76
C LYS A 44 -6.96 20.07 3.00
N TRP A 45 -6.93 18.77 3.32
CA TRP A 45 -7.63 18.31 4.52
C TRP A 45 -6.61 18.14 5.65
N LYS A 46 -5.43 18.71 5.42
CA LYS A 46 -4.32 18.72 6.37
C LYS A 46 -3.69 17.38 6.72
N ALA A 47 -3.48 16.57 5.70
CA ALA A 47 -2.84 15.28 5.88
C ALA A 47 -1.43 15.49 5.33
N PRO A 48 -0.42 14.98 6.03
CA PRO A 48 0.96 15.13 5.59
C PRO A 48 1.24 14.19 4.44
N VAL A 49 2.18 14.59 3.60
CA VAL A 49 2.58 13.77 2.49
C VAL A 49 4.02 13.59 2.84
N VAL A 50 4.41 12.37 3.15
CA VAL A 50 5.76 12.09 3.57
C VAL A 50 6.81 11.94 2.51
N TRP A 51 7.78 12.85 2.53
CA TRP A 51 8.86 12.81 1.55
C TRP A 51 10.21 12.71 2.25
N GLU A 52 11.21 12.19 1.55
CA GLU A 52 12.52 12.15 2.14
C GLU A 52 12.88 13.54 2.65
N GLY A 53 13.43 13.58 3.87
CA GLY A 53 13.80 14.84 4.47
C GLY A 53 12.79 15.53 5.36
N THR A 54 11.49 15.25 5.21
CA THR A 54 10.45 15.88 6.05
C THR A 54 10.11 15.21 7.41
N TYR A 55 10.71 14.03 7.67
CA TYR A 55 10.35 13.28 8.88
C TYR A 55 11.51 13.00 9.83
N ASN A 56 11.18 12.91 11.12
CA ASN A 56 12.17 12.60 12.14
C ASN A 56 11.97 11.16 12.61
N ARG A 57 12.66 10.22 11.98
CA ARG A 57 12.47 8.81 12.34
C ARG A 57 12.91 8.51 13.76
N ALA A 58 14.06 9.07 14.11
CA ALA A 58 14.67 8.88 15.42
C ALA A 58 13.64 9.11 16.52
N VAL A 59 12.91 10.22 16.44
CA VAL A 59 11.91 10.49 17.45
C VAL A 59 10.74 9.53 17.44
N LEU A 60 10.27 9.16 16.26
CA LEU A 60 9.12 8.26 16.18
C LEU A 60 9.50 6.83 16.59
N ASP A 61 10.73 6.40 16.28
CA ASP A 61 11.11 5.06 16.69
C ASP A 61 10.92 4.97 18.22
N ASN A 62 11.40 5.98 18.97
CA ASN A 62 11.22 6.00 20.42
C ASN A 62 9.76 6.07 20.83
N TYR A 63 9.00 6.99 20.24
CA TYR A 63 7.62 7.09 20.62
C TYR A 63 6.91 5.76 20.45
N TYR A 64 7.08 5.15 19.28
CA TYR A 64 6.42 3.89 19.00
C TYR A 64 6.90 2.68 19.78
N ALA A 65 8.21 2.53 19.91
CA ALA A 65 8.76 1.38 20.67
C ALA A 65 8.29 1.46 22.13
N LYS A 66 8.12 2.67 22.67
CA LYS A 66 7.66 2.78 24.04
C LYS A 66 6.25 2.23 24.16
N GLN A 67 5.47 2.36 23.08
CA GLN A 67 4.10 1.86 23.06
C GLN A 67 4.08 0.41 22.68
N LYS A 68 5.24 -0.17 22.40
CA LYS A 68 5.34 -1.56 22.01
C LYS A 68 4.41 -1.80 20.83
N ILE A 69 4.61 -1.03 19.78
CA ILE A 69 3.79 -1.15 18.60
C ILE A 69 4.24 -2.32 17.74
N THR A 70 3.28 -3.06 17.20
CA THR A 70 3.60 -4.17 16.31
C THR A 70 2.93 -3.86 14.98
N VAL A 71 3.66 -4.13 13.91
CA VAL A 71 3.16 -3.83 12.56
C VAL A 71 2.97 -5.04 11.67
N GLY A 72 1.78 -5.20 11.09
CA GLY A 72 1.56 -6.30 10.17
C GLY A 72 1.78 -5.94 8.67
N LEU A 73 2.14 -6.94 7.87
CA LEU A 73 2.35 -6.78 6.42
C LEU A 73 1.74 -7.97 5.61
N THR A 74 0.65 -7.76 4.88
CA THR A 74 0.15 -8.85 4.06
C THR A 74 0.76 -8.80 2.65
N VAL A 75 0.91 -9.99 2.06
CA VAL A 75 1.44 -10.16 0.72
C VAL A 75 0.96 -11.50 0.13
N PHE A 76 0.45 -11.42 -1.09
CA PHE A 76 -0.05 -12.56 -1.84
C PHE A 76 0.92 -12.93 -2.96
N ALA A 77 1.05 -14.22 -3.20
CA ALA A 77 1.90 -14.70 -4.28
C ALA A 77 1.29 -16.00 -4.74
N VAL A 78 0.72 -15.96 -5.95
CA VAL A 78 0.09 -17.15 -6.50
C VAL A 78 0.64 -17.47 -7.90
N GLY A 79 0.77 -18.77 -8.17
CA GLY A 79 1.27 -19.17 -9.48
C GLY A 79 2.75 -18.91 -9.68
N ARG A 80 3.11 -18.38 -10.85
CA ARG A 80 4.52 -18.10 -11.16
C ARG A 80 5.10 -17.01 -10.25
N TYR A 81 4.24 -16.10 -9.77
CA TYR A 81 4.70 -15.01 -8.89
C TYR A 81 5.52 -15.48 -7.69
N ILE A 82 5.24 -16.67 -7.18
CA ILE A 82 5.99 -17.21 -6.04
C ILE A 82 7.50 -17.31 -6.33
N GLU A 83 7.87 -18.04 -7.40
CA GLU A 83 9.29 -18.18 -7.75
C GLU A 83 9.88 -16.88 -8.25
N HIS A 84 9.08 -16.09 -8.95
CA HIS A 84 9.56 -14.80 -9.48
C HIS A 84 9.78 -13.69 -8.44
N TYR A 85 8.91 -13.57 -7.43
CA TYR A 85 9.06 -12.44 -6.53
C TYR A 85 9.03 -12.58 -5.00
N LEU A 86 8.40 -13.63 -4.51
CA LEU A 86 8.25 -13.81 -3.07
C LEU A 86 9.53 -13.72 -2.27
N GLU A 87 10.56 -14.44 -2.70
CA GLU A 87 11.79 -14.42 -1.93
C GLU A 87 12.41 -13.03 -1.87
N GLU A 88 12.52 -12.37 -3.00
CA GLU A 88 13.13 -11.06 -2.99
C GLU A 88 12.30 -10.08 -2.19
N PHE A 89 10.98 -10.18 -2.30
CA PHE A 89 10.15 -9.27 -1.53
C PHE A 89 10.39 -9.50 -0.01
N LEU A 90 10.28 -10.75 0.45
CA LEU A 90 10.46 -11.04 1.86
C LEU A 90 11.86 -10.69 2.39
N THR A 91 12.89 -11.02 1.62
CA THR A 91 14.26 -10.74 2.00
C THR A 91 14.47 -9.23 2.15
N SER A 92 13.94 -8.44 1.23
CA SER A 92 14.14 -7.01 1.37
C SER A 92 13.26 -6.46 2.48
N ALA A 93 12.07 -7.04 2.67
CA ALA A 93 11.19 -6.60 3.77
C ALA A 93 11.87 -6.85 5.14
N ASN A 94 12.47 -8.03 5.30
CA ASN A 94 13.11 -8.41 6.57
C ASN A 94 14.16 -7.37 6.96
N LYS A 95 14.90 -6.94 5.94
CA LYS A 95 15.99 -6.02 6.11
C LYS A 95 15.62 -4.55 6.23
N HIS A 96 14.52 -4.15 5.62
CA HIS A 96 14.15 -2.73 5.62
C HIS A 96 12.82 -2.25 6.22
N PHE A 97 11.86 -3.15 6.43
CA PHE A 97 10.51 -2.76 6.92
C PHE A 97 10.36 -2.63 8.44
N MET A 98 10.12 -1.41 8.92
CA MET A 98 9.96 -1.15 10.34
C MET A 98 11.06 -1.79 11.18
N VAL A 99 12.32 -1.61 10.78
CA VAL A 99 13.41 -2.19 11.55
C VAL A 99 13.35 -1.65 12.98
N GLY A 100 13.63 -2.52 13.95
CA GLY A 100 13.61 -2.13 15.33
C GLY A 100 12.24 -2.20 15.96
N HIS A 101 11.26 -2.81 15.30
CA HIS A 101 9.90 -2.97 15.86
C HIS A 101 9.37 -4.33 15.49
N PRO A 102 8.50 -4.90 16.34
CA PRO A 102 7.97 -6.21 15.98
C PRO A 102 7.20 -6.11 14.68
N VAL A 103 7.46 -7.08 13.80
CA VAL A 103 6.75 -7.17 12.53
C VAL A 103 6.32 -8.61 12.29
N ILE A 104 5.13 -8.77 11.72
CA ILE A 104 4.55 -10.06 11.37
C ILE A 104 4.19 -10.04 9.88
N PHE A 105 4.78 -10.97 9.15
CA PHE A 105 4.53 -11.11 7.72
C PHE A 105 3.44 -12.18 7.56
N TYR A 106 2.34 -11.84 6.88
CA TYR A 106 1.23 -12.77 6.59
C TYR A 106 1.33 -13.10 5.11
N ILE A 107 1.73 -14.32 4.84
CA ILE A 107 1.96 -14.75 3.49
C ILE A 107 0.83 -15.64 2.97
N MET A 108 0.19 -15.19 1.90
CA MET A 108 -0.90 -15.91 1.28
C MET A 108 -0.39 -16.42 -0.07
N VAL A 109 -0.33 -17.75 -0.22
CA VAL A 109 0.11 -18.42 -1.46
C VAL A 109 -0.90 -19.54 -1.82
N ASP A 110 -0.88 -20.00 -3.09
CA ASP A 110 -1.78 -21.06 -3.50
C ASP A 110 -1.09 -22.42 -3.31
N ASP A 111 0.23 -22.41 -3.24
CA ASP A 111 0.99 -23.65 -3.07
C ASP A 111 2.04 -23.45 -1.97
N VAL A 112 1.76 -23.88 -0.75
CA VAL A 112 2.73 -23.68 0.32
C VAL A 112 4.04 -24.44 0.13
N SER A 113 4.00 -25.56 -0.58
CA SER A 113 5.21 -26.35 -0.82
C SER A 113 6.22 -25.65 -1.73
N ARG A 114 5.82 -24.57 -2.37
CA ARG A 114 6.75 -23.88 -3.26
C ARG A 114 7.22 -22.55 -2.68
N MET A 115 6.74 -22.21 -1.49
CA MET A 115 7.11 -20.95 -0.91
C MET A 115 8.49 -20.99 -0.30
N PRO A 116 9.33 -20.00 -0.66
CA PRO A 116 10.70 -19.92 -0.14
C PRO A 116 10.71 -19.65 1.37
N LEU A 117 11.64 -20.28 2.08
CA LEU A 117 11.74 -20.08 3.51
C LEU A 117 13.02 -19.35 3.76
N ILE A 118 12.91 -18.06 4.03
CA ILE A 118 14.13 -17.33 4.26
C ILE A 118 14.30 -17.15 5.76
N GLU A 119 15.51 -16.84 6.16
CA GLU A 119 15.76 -16.64 7.57
C GLU A 119 15.36 -15.20 7.92
N LEU A 120 14.59 -15.04 8.98
CA LEU A 120 14.16 -13.73 9.39
C LEU A 120 15.05 -13.24 10.49
N GLY A 121 15.15 -11.92 10.63
CA GLY A 121 15.97 -11.35 11.67
C GLY A 121 15.18 -10.94 12.91
N PRO A 122 15.87 -10.31 13.87
CA PRO A 122 15.31 -9.82 15.13
C PRO A 122 13.98 -9.08 14.92
N LEU A 123 12.99 -9.42 15.75
CA LEU A 123 11.69 -8.78 15.71
C LEU A 123 10.82 -9.08 14.49
N ARG A 124 11.20 -10.03 13.67
CA ARG A 124 10.33 -10.42 12.56
C ARG A 124 9.84 -11.85 12.83
N SER A 125 8.63 -12.18 12.39
CA SER A 125 8.14 -13.53 12.48
C SER A 125 7.08 -13.59 11.35
N PHE A 126 6.47 -14.73 11.11
CA PHE A 126 5.46 -14.80 10.06
C PHE A 126 4.57 -16.01 10.20
N LYS A 127 3.59 -16.05 9.32
CA LYS A 127 2.71 -17.19 9.14
C LYS A 127 2.22 -17.16 7.71
N VAL A 128 1.97 -18.36 7.19
CA VAL A 128 1.55 -18.65 5.83
C VAL A 128 0.16 -19.22 5.80
N PHE A 129 -0.59 -18.83 4.78
CA PHE A 129 -1.92 -19.33 4.58
C PHE A 129 -2.02 -19.75 3.12
N LYS A 130 -2.71 -20.87 2.92
CA LYS A 130 -2.95 -21.42 1.59
C LYS A 130 -4.25 -20.82 1.13
N ILE A 131 -4.26 -20.28 -0.07
CA ILE A 131 -5.50 -19.72 -0.58
C ILE A 131 -5.87 -20.34 -1.92
N LYS A 132 -7.15 -20.26 -2.27
CA LYS A 132 -7.64 -20.79 -3.54
C LYS A 132 -7.18 -19.83 -4.66
N PRO A 133 -6.49 -20.38 -5.69
CA PRO A 133 -6.02 -19.53 -6.79
C PRO A 133 -7.16 -19.24 -7.77
N GLU A 134 -7.35 -17.97 -8.12
CA GLU A 134 -8.40 -17.65 -9.05
C GLU A 134 -7.79 -17.86 -10.43
N LYS A 135 -8.63 -18.02 -11.45
CA LYS A 135 -8.11 -18.24 -12.80
C LYS A 135 -7.67 -16.97 -13.50
N ARG A 136 -8.52 -15.94 -13.47
CA ARG A 136 -8.20 -14.68 -14.11
C ARG A 136 -7.30 -13.87 -13.17
N TRP A 137 -6.25 -13.26 -13.72
CA TRP A 137 -5.33 -12.46 -12.90
C TRP A 137 -6.00 -11.23 -12.27
N GLN A 138 -7.12 -10.81 -12.85
CA GLN A 138 -7.81 -9.65 -12.34
C GLN A 138 -8.66 -10.06 -11.12
N ASP A 139 -9.05 -11.32 -11.05
CA ASP A 139 -9.81 -11.81 -9.89
C ASP A 139 -8.85 -12.13 -8.73
N ILE A 140 -7.62 -12.52 -9.07
CA ILE A 140 -6.58 -12.83 -8.10
C ILE A 140 -6.29 -11.57 -7.30
N SER A 141 -6.00 -10.50 -8.04
CA SER A 141 -5.67 -9.18 -7.50
C SER A 141 -6.85 -8.54 -6.76
N MET A 142 -8.08 -8.83 -7.22
CA MET A 142 -9.28 -8.27 -6.59
C MET A 142 -9.81 -9.11 -5.42
N MET A 143 -9.57 -10.42 -5.42
CA MET A 143 -10.04 -11.26 -4.29
C MET A 143 -9.19 -11.04 -3.04
N ARG A 144 -8.03 -10.42 -3.22
CA ARG A 144 -7.20 -10.12 -2.08
C ARG A 144 -8.03 -9.29 -1.10
N MET A 145 -8.89 -8.41 -1.64
CA MET A 145 -9.72 -7.54 -0.81
C MET A 145 -10.63 -8.29 0.16
N LYS A 146 -11.19 -9.40 -0.31
CA LYS A 146 -12.05 -10.16 0.57
C LYS A 146 -11.19 -10.92 1.62
N THR A 147 -10.13 -11.57 1.15
CA THR A 147 -9.28 -12.38 1.99
C THR A 147 -8.63 -11.56 3.10
N ILE A 148 -8.12 -10.39 2.78
CA ILE A 148 -7.51 -9.55 3.77
C ILE A 148 -8.56 -9.26 4.85
N GLY A 149 -9.77 -8.96 4.38
CA GLY A 149 -10.87 -8.63 5.26
C GLY A 149 -11.17 -9.80 6.19
N GLU A 150 -11.22 -11.00 5.63
CA GLU A 150 -11.50 -12.13 6.47
C GLU A 150 -10.40 -12.32 7.51
N HIS A 151 -9.13 -12.15 7.10
CA HIS A 151 -8.03 -12.32 8.03
C HIS A 151 -7.95 -11.27 9.10
N ILE A 152 -8.41 -10.06 8.79
CA ILE A 152 -8.39 -9.03 9.79
C ILE A 152 -9.37 -9.39 10.90
N VAL A 153 -10.61 -9.72 10.55
CA VAL A 153 -11.55 -10.00 11.62
C VAL A 153 -11.22 -11.28 12.36
N ALA A 154 -10.64 -12.25 11.68
CA ALA A 154 -10.31 -13.50 12.34
C ALA A 154 -9.12 -13.38 13.31
N HIS A 155 -8.07 -12.62 12.96
CA HIS A 155 -6.88 -12.49 13.81
C HIS A 155 -5.96 -11.24 13.68
N ILE A 156 -5.86 -10.67 12.49
CA ILE A 156 -4.96 -9.54 12.40
C ILE A 156 -5.31 -8.38 13.33
N GLN A 157 -6.61 -8.16 13.50
CA GLN A 157 -7.15 -7.12 14.39
C GLN A 157 -6.57 -7.29 15.83
N HIS A 158 -6.38 -8.52 16.24
CA HIS A 158 -5.89 -8.75 17.58
C HIS A 158 -4.37 -8.85 17.64
N GLU A 159 -3.70 -8.97 16.50
CA GLU A 159 -2.25 -9.16 16.51
C GLU A 159 -1.34 -7.93 16.31
N VAL A 160 -1.81 -6.94 15.56
CA VAL A 160 -0.98 -5.77 15.25
C VAL A 160 -1.68 -4.45 15.46
N ASP A 161 -0.89 -3.39 15.50
CA ASP A 161 -1.45 -2.06 15.69
C ASP A 161 -1.72 -1.39 14.36
N PHE A 162 -0.84 -1.64 13.41
CA PHE A 162 -0.97 -1.08 12.08
C PHE A 162 -0.70 -2.21 11.09
N LEU A 163 -1.39 -2.17 9.97
CA LEU A 163 -1.24 -3.18 8.94
C LEU A 163 -0.98 -2.55 7.57
N PHE A 164 -0.08 -3.13 6.79
CA PHE A 164 0.13 -2.64 5.43
C PHE A 164 -0.19 -3.82 4.52
N CYS A 165 -0.71 -3.51 3.33
CA CYS A 165 -1.05 -4.53 2.31
C CYS A 165 -0.26 -4.19 1.03
N MET A 166 0.61 -5.10 0.63
CA MET A 166 1.48 -4.84 -0.51
C MET A 166 1.47 -5.87 -1.63
N ASP A 167 1.78 -5.38 -2.84
CA ASP A 167 1.91 -6.18 -4.06
C ASP A 167 3.23 -6.90 -3.87
N VAL A 168 3.30 -8.18 -4.24
CA VAL A 168 4.53 -8.94 -4.06
C VAL A 168 5.67 -8.56 -5.01
N ASP A 169 5.35 -8.13 -6.23
CA ASP A 169 6.36 -7.74 -7.24
C ASP A 169 6.94 -6.33 -7.03
N GLN A 170 7.68 -6.17 -5.95
CA GLN A 170 8.33 -4.92 -5.63
C GLN A 170 9.39 -5.26 -4.61
N VAL A 171 10.35 -4.37 -4.44
CA VAL A 171 11.46 -4.59 -3.57
C VAL A 171 11.85 -3.41 -2.70
N PHE A 172 12.06 -3.68 -1.42
CA PHE A 172 12.48 -2.61 -0.52
C PHE A 172 13.95 -2.29 -0.85
N GLN A 173 14.28 -1.00 -0.92
CA GLN A 173 15.63 -0.55 -1.26
C GLN A 173 16.27 0.17 -0.10
N ASP A 174 15.43 0.75 0.75
CA ASP A 174 15.91 1.48 1.91
C ASP A 174 14.83 1.52 3.00
N LYS A 175 15.21 2.05 4.15
CA LYS A 175 14.31 2.12 5.28
C LYS A 175 12.88 2.55 4.95
N PHE A 176 11.93 1.70 5.34
CA PHE A 176 10.52 1.99 5.15
C PHE A 176 10.07 1.87 6.63
N GLY A 177 10.12 3.00 7.36
CA GLY A 177 9.83 2.97 8.78
C GLY A 177 8.54 3.49 9.36
N VAL A 178 8.57 3.76 10.66
CA VAL A 178 7.39 4.24 11.37
C VAL A 178 6.91 5.61 10.91
N GLU A 179 7.72 6.32 10.13
CA GLU A 179 7.23 7.60 9.60
C GLU A 179 6.01 7.31 8.70
N THR A 180 5.91 6.06 8.22
CA THR A 180 4.78 5.70 7.36
C THR A 180 3.48 5.31 8.08
N LEU A 181 3.50 5.17 9.39
CA LEU A 181 2.28 4.75 10.08
C LEU A 181 1.21 5.81 10.21
N GLY A 182 -0.05 5.38 10.17
CA GLY A 182 -1.15 6.30 10.30
C GLY A 182 -2.47 5.56 10.31
N GLU A 183 -3.54 6.29 10.57
CA GLU A 183 -4.88 5.71 10.62
C GLU A 183 -5.36 5.02 9.31
N SER A 184 -5.01 5.61 8.17
CA SER A 184 -5.32 5.07 6.83
C SER A 184 -4.25 5.77 5.99
N VAL A 185 -3.41 4.97 5.37
CA VAL A 185 -2.24 5.43 4.61
C VAL A 185 -2.32 5.12 3.12
N ALA A 186 -2.05 6.13 2.29
CA ALA A 186 -2.10 5.91 0.83
C ALA A 186 -0.79 6.19 0.12
N GLN A 187 -0.66 5.58 -1.04
CA GLN A 187 0.53 5.72 -1.84
C GLN A 187 0.31 6.52 -3.15
N LEU A 188 1.15 7.54 -3.33
CA LEU A 188 1.08 8.39 -4.53
C LEU A 188 1.63 7.56 -5.67
N GLN A 189 0.77 7.23 -6.63
CA GLN A 189 1.25 6.44 -7.74
C GLN A 189 2.40 7.23 -8.35
N ALA A 190 3.49 6.54 -8.63
CA ALA A 190 4.71 7.14 -9.17
C ALA A 190 4.56 7.89 -10.48
N TRP A 191 3.90 7.25 -11.45
CA TRP A 191 3.69 7.81 -12.78
C TRP A 191 2.78 9.04 -12.87
N TRP A 192 1.86 9.23 -11.92
CA TRP A 192 0.92 10.35 -12.01
C TRP A 192 0.92 11.43 -10.94
N TYR A 193 1.97 11.51 -10.13
CA TYR A 193 1.92 12.49 -9.04
C TYR A 193 1.90 13.96 -9.42
N LYS A 194 2.37 14.30 -10.62
CA LYS A 194 2.34 15.70 -11.04
C LYS A 194 1.08 16.01 -11.87
N ALA A 195 0.51 14.99 -12.51
CA ALA A 195 -0.71 15.15 -13.32
C ALA A 195 -1.88 15.73 -12.52
N ASP A 196 -2.88 16.32 -13.19
CA ASP A 196 -4.01 16.74 -12.39
C ASP A 196 -5.24 15.87 -12.68
N PRO A 197 -6.15 15.78 -11.72
CA PRO A 197 -7.38 14.98 -11.78
C PRO A 197 -8.00 14.56 -13.12
N ASN A 198 -8.10 15.47 -14.09
CA ASN A 198 -8.72 15.06 -15.34
C ASN A 198 -7.87 14.16 -16.22
N ASP A 199 -6.60 14.03 -15.87
CA ASP A 199 -5.71 13.13 -16.59
C ASP A 199 -5.57 11.78 -15.87
N PHE A 200 -6.04 11.70 -14.63
CA PHE A 200 -5.94 10.46 -13.88
C PHE A 200 -6.77 9.37 -14.52
N THR A 201 -6.24 8.17 -14.56
CA THR A 201 -7.00 7.10 -15.14
C THR A 201 -8.02 6.49 -14.18
N TYR A 202 -8.90 7.31 -13.60
CA TYR A 202 -9.94 6.74 -12.73
C TYR A 202 -10.92 6.00 -13.67
N GLU A 203 -11.86 5.29 -13.06
CA GLU A 203 -12.91 4.60 -13.81
C GLU A 203 -13.87 5.75 -14.15
N ARG A 204 -14.19 5.92 -15.45
CA ARG A 204 -15.07 7.02 -15.87
C ARG A 204 -16.46 6.63 -16.33
N ARG A 205 -16.75 5.33 -16.31
CA ARG A 205 -18.06 4.83 -16.69
C ARG A 205 -18.98 4.86 -15.46
N LYS A 206 -19.99 5.72 -15.52
CA LYS A 206 -20.90 5.84 -14.40
C LYS A 206 -21.55 4.50 -14.01
N GLU A 207 -21.49 3.50 -14.88
CA GLU A 207 -22.07 2.20 -14.58
C GLU A 207 -21.23 1.42 -13.54
N SER A 208 -19.97 1.81 -13.38
CA SER A 208 -19.08 1.15 -12.42
C SER A 208 -19.09 1.77 -11.05
N ALA A 209 -19.11 0.92 -10.04
CA ALA A 209 -19.10 1.33 -8.64
C ALA A 209 -17.89 2.19 -8.33
N ALA A 210 -16.83 2.02 -9.10
CA ALA A 210 -15.61 2.78 -8.91
C ALA A 210 -15.67 4.10 -9.65
N TYR A 211 -16.85 4.46 -10.15
CA TYR A 211 -17.00 5.69 -10.90
C TYR A 211 -16.56 6.99 -10.23
N ILE A 212 -15.64 7.72 -10.85
CA ILE A 212 -15.26 9.03 -10.32
C ILE A 212 -15.39 10.11 -11.42
N PRO A 213 -16.40 10.99 -11.31
CA PRO A 213 -16.71 12.10 -12.24
C PRO A 213 -15.49 12.91 -12.68
N PHE A 214 -15.57 13.45 -13.89
CA PHE A 214 -14.47 14.25 -14.42
C PHE A 214 -14.16 15.54 -13.67
N GLY A 215 -15.07 16.06 -12.87
CA GLY A 215 -14.69 17.24 -12.12
C GLY A 215 -13.97 16.97 -10.78
N GLU A 216 -14.18 15.77 -10.22
CA GLU A 216 -13.63 15.37 -8.93
C GLU A 216 -12.26 14.68 -8.85
N GLY A 217 -11.82 14.38 -7.62
CA GLY A 217 -10.54 13.71 -7.41
C GLY A 217 -9.45 14.58 -6.81
N ASP A 218 -8.69 14.03 -5.85
CA ASP A 218 -7.57 14.74 -5.19
C ASP A 218 -6.22 14.30 -5.74
N PHE A 219 -5.98 12.99 -5.76
CA PHE A 219 -4.72 12.44 -6.25
C PHE A 219 -5.03 11.09 -6.84
N TYR A 220 -4.01 10.48 -7.41
CA TYR A 220 -4.16 9.15 -7.91
C TYR A 220 -3.34 8.23 -7.01
N TYR A 221 -4.03 7.37 -6.25
CA TYR A 221 -3.29 6.46 -5.38
C TYR A 221 -3.00 5.12 -6.03
N HIS A 222 -1.80 4.64 -5.73
CA HIS A 222 -1.31 3.36 -6.20
C HIS A 222 -1.82 2.28 -5.21
N ALA A 223 -2.40 1.21 -5.74
CA ALA A 223 -2.92 0.11 -4.95
C ALA A 223 -1.85 -0.92 -4.58
N ALA A 224 -0.59 -0.71 -4.96
CA ALA A 224 0.47 -1.65 -4.58
C ALA A 224 0.86 -1.51 -3.08
N ILE A 225 0.34 -0.51 -2.41
CA ILE A 225 0.65 -0.26 -1.02
C ILE A 225 -0.42 0.59 -0.40
N PHE A 226 -1.08 0.07 0.62
CA PHE A 226 -2.04 0.86 1.35
C PHE A 226 -2.04 0.26 2.76
N GLY A 227 -2.41 1.07 3.74
CA GLY A 227 -2.37 0.56 5.10
C GLY A 227 -3.15 1.43 6.05
N GLY A 228 -2.95 1.21 7.34
CA GLY A 228 -3.64 1.96 8.38
C GLY A 228 -3.87 1.04 9.58
N THR A 229 -4.82 1.38 10.43
CA THR A 229 -5.09 0.50 11.56
C THR A 229 -5.90 -0.66 10.97
N PRO A 230 -5.88 -1.81 11.62
CA PRO A 230 -6.64 -2.96 11.11
C PRO A 230 -8.10 -2.61 10.87
N THR A 231 -8.65 -1.81 11.78
CA THR A 231 -10.02 -1.37 11.71
C THR A 231 -10.25 -0.61 10.40
N GLN A 232 -9.35 0.31 10.08
CA GLN A 232 -9.45 1.09 8.85
C GLN A 232 -9.28 0.18 7.64
N VAL A 233 -8.24 -0.63 7.64
CA VAL A 233 -7.99 -1.50 6.52
C VAL A 233 -9.16 -2.41 6.27
N LEU A 234 -9.88 -2.77 7.33
CA LEU A 234 -11.04 -3.60 7.15
C LEU A 234 -12.09 -2.87 6.31
N ASN A 235 -12.30 -1.59 6.61
CA ASN A 235 -13.29 -0.82 5.92
C ASN A 235 -12.92 -0.62 4.46
N ILE A 236 -11.66 -0.25 4.23
CA ILE A 236 -11.14 -0.07 2.89
C ILE A 236 -11.44 -1.35 2.09
N THR A 237 -10.93 -2.49 2.58
CA THR A 237 -11.10 -3.72 1.86
C THR A 237 -12.52 -4.13 1.72
N GLN A 238 -13.34 -3.89 2.74
CA GLN A 238 -14.75 -4.26 2.64
C GLN A 238 -15.55 -3.43 1.61
N GLU A 239 -15.29 -2.12 1.59
CA GLU A 239 -15.97 -1.25 0.65
C GLU A 239 -15.51 -1.59 -0.76
N CYS A 240 -14.20 -1.77 -0.92
CA CYS A 240 -13.67 -2.09 -2.23
C CYS A 240 -14.26 -3.39 -2.73
N PHE A 241 -14.30 -4.40 -1.88
CA PHE A 241 -14.80 -5.67 -2.36
C PHE A 241 -16.29 -5.70 -2.68
N LYS A 242 -17.10 -4.93 -1.97
CA LYS A 242 -18.51 -4.97 -2.29
C LYS A 242 -18.70 -4.21 -3.61
N GLY A 243 -17.77 -3.29 -3.88
CA GLY A 243 -17.79 -2.50 -5.09
C GLY A 243 -17.44 -3.40 -6.25
N ILE A 244 -16.43 -4.22 -6.07
CA ILE A 244 -16.00 -5.15 -7.11
C ILE A 244 -17.11 -6.19 -7.41
N LEU A 245 -17.91 -6.54 -6.40
CA LEU A 245 -19.01 -7.52 -6.60
C LEU A 245 -20.15 -6.91 -7.39
N LYS A 246 -20.55 -5.72 -6.96
CA LYS A 246 -21.59 -4.95 -7.59
C LYS A 246 -21.30 -4.90 -9.10
N ASP A 247 -20.10 -4.47 -9.46
CA ASP A 247 -19.72 -4.41 -10.87
C ASP A 247 -19.88 -5.76 -11.56
N LYS A 248 -19.40 -6.80 -10.91
CA LYS A 248 -19.51 -8.12 -11.50
C LYS A 248 -20.99 -8.38 -11.75
N LYS A 249 -21.81 -8.08 -10.76
CA LYS A 249 -23.26 -8.24 -10.87
C LYS A 249 -23.83 -7.46 -12.09
N ASN A 250 -23.30 -6.26 -12.36
CA ASN A 250 -23.74 -5.45 -13.49
C ASN A 250 -22.90 -5.67 -14.73
N ASP A 251 -22.18 -6.76 -14.74
CA ASP A 251 -21.35 -7.11 -15.87
C ASP A 251 -20.41 -6.07 -16.47
N ILE A 252 -19.65 -5.45 -15.57
CA ILE A 252 -18.65 -4.46 -15.92
C ILE A 252 -17.44 -4.68 -15.01
N GLU A 253 -16.27 -4.29 -15.51
CA GLU A 253 -15.04 -4.43 -14.75
C GLU A 253 -14.23 -3.14 -14.85
N ALA A 254 -14.09 -2.45 -13.71
CA ALA A 254 -13.36 -1.18 -13.63
C ALA A 254 -12.03 -1.26 -14.38
N GLN A 255 -11.64 -0.21 -15.09
CA GLN A 255 -10.43 -0.38 -15.88
C GLN A 255 -9.15 -0.80 -15.18
N TRP A 256 -8.92 -0.34 -13.96
CA TRP A 256 -7.72 -0.76 -13.25
C TRP A 256 -8.07 -1.56 -11.99
N HIS A 257 -9.15 -2.30 -12.13
CA HIS A 257 -9.66 -3.23 -11.12
C HIS A 257 -9.70 -2.71 -9.68
N ASP A 258 -9.06 -3.42 -8.74
CA ASP A 258 -9.07 -3.00 -7.34
C ASP A 258 -8.56 -1.58 -7.17
N GLU A 259 -7.49 -1.24 -7.87
CA GLU A 259 -6.95 0.09 -7.81
C GLU A 259 -7.96 1.21 -8.10
N SER A 260 -8.91 0.97 -9.00
CA SER A 260 -9.89 1.99 -9.29
C SER A 260 -10.80 2.08 -8.11
N HIS A 261 -11.18 0.92 -7.57
CA HIS A 261 -12.06 0.94 -6.42
C HIS A 261 -11.39 1.63 -5.22
N LEU A 262 -10.08 1.42 -5.07
CA LEU A 262 -9.35 2.02 -3.95
C LEU A 262 -9.40 3.54 -4.08
N ASN A 263 -9.22 4.03 -5.31
CA ASN A 263 -9.28 5.50 -5.57
C ASN A 263 -10.68 6.06 -5.25
N LYS A 264 -11.74 5.39 -5.66
CA LYS A 264 -13.08 5.85 -5.33
C LYS A 264 -13.17 5.89 -3.79
N TYR A 265 -12.75 4.81 -3.12
CA TYR A 265 -12.78 4.77 -1.65
C TYR A 265 -12.02 5.93 -1.00
N PHE A 266 -10.78 6.13 -1.45
CA PHE A 266 -9.98 7.21 -0.88
C PHE A 266 -10.48 8.62 -1.22
N LEU A 267 -11.41 8.73 -2.19
CA LEU A 267 -11.93 10.05 -2.55
C LEU A 267 -12.97 10.36 -1.52
N LEU A 268 -13.77 9.35 -1.19
CA LEU A 268 -14.83 9.51 -0.23
C LEU A 268 -14.35 9.52 1.24
N ASN A 269 -13.24 8.83 1.50
CA ASN A 269 -12.68 8.72 2.85
C ASN A 269 -11.19 9.00 2.68
N LYS A 270 -10.82 10.27 2.80
CA LYS A 270 -9.46 10.70 2.57
C LYS A 270 -8.45 10.06 3.51
N PRO A 271 -7.28 9.70 2.98
CA PRO A 271 -6.29 9.07 3.84
C PRO A 271 -5.79 10.10 4.85
N THR A 272 -5.43 9.65 6.05
CA THR A 272 -4.91 10.57 7.08
C THR A 272 -3.42 10.82 6.84
N LYS A 273 -2.82 10.02 5.97
CA LYS A 273 -1.43 10.23 5.63
C LYS A 273 -1.23 9.67 4.24
N ILE A 274 -0.38 10.31 3.45
CA ILE A 274 -0.10 9.88 2.09
C ILE A 274 1.40 9.79 1.99
N LEU A 275 1.91 8.78 1.29
CA LEU A 275 3.37 8.61 1.12
C LEU A 275 3.79 9.07 -0.27
N SER A 276 4.90 9.76 -0.33
CA SER A 276 5.41 10.25 -1.61
C SER A 276 5.86 9.07 -2.46
N PRO A 277 6.06 9.31 -3.77
CA PRO A 277 6.51 8.29 -4.73
C PRO A 277 7.84 7.65 -4.38
N GLU A 278 8.55 8.22 -3.42
CA GLU A 278 9.83 7.68 -3.00
C GLU A 278 9.58 6.34 -2.29
N TYR A 279 8.36 6.15 -1.82
CA TYR A 279 8.02 4.92 -1.15
C TYR A 279 7.60 3.82 -2.10
N CYS A 280 7.31 4.14 -3.36
CA CYS A 280 6.95 3.09 -4.33
C CYS A 280 7.30 3.62 -5.72
N TRP A 281 8.60 3.64 -5.96
CA TRP A 281 9.16 4.19 -7.18
C TRP A 281 9.36 3.20 -8.32
N ASP A 282 9.02 3.64 -9.54
CA ASP A 282 9.22 2.82 -10.74
C ASP A 282 10.42 3.42 -11.46
N TYR A 283 11.54 2.71 -11.52
CA TYR A 283 12.72 3.29 -12.15
C TYR A 283 12.60 3.42 -13.67
N HIS A 284 11.50 2.96 -14.22
CA HIS A 284 11.25 3.08 -15.65
C HIS A 284 10.99 4.57 -15.96
N ILE A 285 10.59 5.32 -14.95
CA ILE A 285 10.32 6.75 -15.10
C ILE A 285 11.64 7.53 -15.08
N GLY A 286 12.73 6.85 -14.73
CA GLY A 286 14.02 7.51 -14.63
C GLY A 286 14.30 7.84 -13.17
N LEU A 287 14.86 9.02 -12.92
CA LEU A 287 15.15 9.40 -11.56
C LEU A 287 15.21 10.90 -11.33
N PRO A 288 14.04 11.55 -11.33
CA PRO A 288 13.92 13.01 -11.12
C PRO A 288 14.46 13.60 -9.81
N ALA A 289 14.69 14.92 -9.86
CA ALA A 289 15.18 15.67 -8.73
C ALA A 289 14.30 15.33 -7.52
N ASP A 290 12.99 15.32 -7.73
CA ASP A 290 12.01 15.03 -6.69
C ASP A 290 12.13 13.69 -5.94
N ILE A 291 12.74 12.69 -6.59
CA ILE A 291 12.91 11.39 -5.95
C ILE A 291 14.28 11.31 -5.27
N LYS A 292 14.28 11.82 -4.04
CA LYS A 292 15.46 11.93 -3.17
C LYS A 292 16.08 10.61 -2.66
N LEU A 293 15.30 9.75 -2.02
CA LEU A 293 15.80 8.46 -1.54
C LEU A 293 14.66 7.47 -1.67
N VAL A 294 14.86 6.46 -2.52
CA VAL A 294 13.83 5.45 -2.75
C VAL A 294 13.78 4.36 -1.70
N LYS A 295 12.63 4.23 -1.04
CA LYS A 295 12.47 3.20 -0.03
C LYS A 295 12.01 1.89 -0.68
N MET A 296 11.22 2.00 -1.74
CA MET A 296 10.75 0.81 -2.41
C MET A 296 10.49 1.04 -3.90
N SER A 297 10.87 0.07 -4.72
CA SER A 297 10.69 0.17 -6.15
C SER A 297 9.96 -1.01 -6.75
N TRP A 298 9.30 -0.79 -7.90
CA TRP A 298 8.58 -1.85 -8.59
C TRP A 298 9.63 -2.78 -9.15
N GLN A 299 9.18 -3.91 -9.67
CA GLN A 299 10.15 -4.84 -10.23
C GLN A 299 9.80 -5.16 -11.68
N THR A 300 8.58 -5.65 -11.91
CA THR A 300 8.07 -6.03 -13.28
C THR A 300 6.60 -6.18 -12.91
N LYS A 301 5.69 -6.93 -13.57
CA LYS A 301 4.34 -6.66 -12.97
C LYS A 301 3.15 -7.21 -13.71
N GLU A 302 2.00 -6.47 -13.63
CA GLU A 302 0.77 -6.90 -14.45
C GLU A 302 0.43 -5.73 -15.39
N TYR A 303 -0.46 -4.94 -14.85
CA TYR A 303 -0.71 -3.73 -15.69
C TYR A 303 -1.40 -3.12 -14.56
N ASN A 304 -0.62 -2.11 -14.15
CA ASN A 304 -0.76 -1.12 -13.12
C ASN A 304 -0.80 0.06 -14.13
N VAL A 305 -1.31 1.22 -13.72
CA VAL A 305 -1.40 2.40 -14.60
C VAL A 305 -0.10 3.13 -14.85
N VAL A 306 0.52 2.88 -16.00
CA VAL A 306 1.75 3.56 -16.38
C VAL A 306 1.31 4.50 -17.53
N ARG A 307 2.19 5.38 -17.99
CA ARG A 307 1.80 6.22 -19.10
C ARG A 307 2.29 5.46 -20.37
N ASN A 308 1.96 4.16 -20.43
CA ASN A 308 2.34 3.28 -21.56
C ASN A 308 1.31 3.15 -22.70
N ASN A 309 1.43 2.10 -23.54
CA ASN A 309 0.54 1.88 -24.70
C ASN A 309 -0.97 1.79 -24.39
MN MN B . 2.15 -5.08 -8.99
N1 U5P C . -0.89 -11.64 -7.87
C2 U5P C . -0.35 -12.93 -7.78
N3 U5P C . -0.38 -13.65 -8.95
C4 U5P C . -0.88 -13.24 -10.20
C5 U5P C . -1.42 -11.92 -10.21
C6 U5P C . -1.41 -11.20 -9.11
O2 U5P C . 0.10 -13.34 -6.73
O4 U5P C . -0.82 -14.02 -11.13
C1' U5P C . -0.92 -10.75 -6.64
C2' U5P C . 0.50 -10.24 -6.32
O2' U5P C . 0.74 -10.03 -4.89
C3' U5P C . 0.58 -9.01 -7.18
C4' U5P C . -0.80 -8.42 -6.91
O3' U5P C . 1.74 -8.17 -6.93
O4' U5P C . -1.67 -9.61 -6.93
C5' U5P C . -1.37 -7.52 -8.00
O5' U5P C . -0.31 -7.00 -8.85
P U5P C . -0.30 -7.21 -10.45
O1P U5P C . -0.31 -8.61 -11.00
O2P U5P C . 0.92 -6.60 -11.04
O3P U5P C . -1.53 -6.19 -10.92
#